data_7L6X
#
_entry.id   7L6X
#
_cell.length_a   69.670
_cell.length_b   69.670
_cell.length_c   83.801
_cell.angle_alpha   90.000
_cell.angle_beta   90.000
_cell.angle_gamma   90.000
#
_symmetry.space_group_name_H-M   'P 43'
#
loop_
_entity.id
_entity.type
_entity.pdbx_description
1 polymer 'Transcription initiation factor TFIID subunit 1'
2 non-polymer 6-(but-3-en-1-yl)-4-[1-methyl-6-(morpholine-4-carbonyl)-1H-benzimidazol-4-yl]-1,6-dihydro-7H-pyrrolo[2,3-c]pyridin-7-one
3 non-polymer 1,2-ETHANEDIOL
4 water water
#
_entity_poly.entity_id   1
_entity_poly.type   'polypeptide(L)'
_entity_poly.pdbx_seq_one_letter_code
;SMSIHRRRTDPMVTLSSILESIINDMRDLPNTYPFHTPVNAKVVKDYYKIITRPMDLQTLRENVRKRLYPSREEFREHLE
LIVKNSATYNGPKHSLTQISQSMLDLCDEKLKEKEDKLARLEKAINPLLDDDDQVAFSFILDNIVTQKMMAVPDSWPFHH
PVNKKFVPDYYKVIVNPMDLETIRKNISKHKYQSRESFLDDVNLILANSVKYNGPESQYTKTAQEIVNVCYQTLTEYDEH
LTQLEKDICTAKEAALEEAELESLD
;
_entity_poly.pdbx_strand_id   A
#
loop_
_chem_comp.id
_chem_comp.type
_chem_comp.name
_chem_comp.formula
EDO non-polymer 1,2-ETHANEDIOL 'C2 H6 O2'
G9V non-polymer 6-(but-3-en-1-yl)-4-[1-methyl-6-(morpholine-4-carbonyl)-1H-benzimidazol-4-yl]-1,6-dihydro-7H-pyrrolo[2,3-c]pyridin-7-one 'C24 H25 N5 O3'
#
# COMPACT_ATOMS: atom_id res chain seq x y z
N THR A 9 6.13 -28.21 -5.75
CA THR A 9 6.14 -27.40 -4.52
C THR A 9 5.86 -25.93 -4.84
N ASP A 10 4.96 -25.29 -4.08
CA ASP A 10 4.42 -23.97 -4.43
C ASP A 10 4.65 -22.94 -3.31
N PRO A 11 5.47 -21.92 -3.54
CA PRO A 11 5.77 -20.94 -2.47
C PRO A 11 4.57 -20.13 -1.98
N MET A 12 3.51 -19.96 -2.79
CA MET A 12 2.32 -19.24 -2.29
C MET A 12 1.63 -19.93 -1.18
N VAL A 13 1.63 -21.25 -1.20
CA VAL A 13 1.02 -21.97 -0.10
C VAL A 13 1.85 -21.74 1.15
N THR A 14 3.17 -21.86 1.04
CA THR A 14 4.02 -21.61 2.20
C THR A 14 3.78 -20.20 2.74
N LEU A 15 3.80 -19.18 1.86
CA LEU A 15 3.53 -17.82 2.30
C LEU A 15 2.17 -17.68 3.00
N SER A 16 1.11 -18.17 2.36
CA SER A 16 -0.24 -18.04 2.91
C SER A 16 -0.32 -18.69 4.25
N SER A 17 0.38 -19.79 4.40
CA SER A 17 0.40 -20.52 5.66
C SER A 17 1.12 -19.72 6.75
N ILE A 18 2.18 -19.00 6.39
CA ILE A 18 2.82 -18.14 7.37
C ILE A 18 1.86 -17.07 7.86
N LEU A 19 1.16 -16.44 6.93
CA LEU A 19 0.25 -15.40 7.36
C LEU A 19 -0.87 -15.98 8.20
N GLU A 20 -1.39 -17.13 7.80
CA GLU A 20 -2.42 -17.76 8.59
C GLU A 20 -1.91 -18.08 10.01
N SER A 21 -0.66 -18.53 10.12
CA SER A 21 -0.11 -18.82 11.45
C SER A 21 -0.04 -17.56 12.29
N ILE A 22 0.31 -16.45 11.68
CA ILE A 22 0.30 -15.19 12.42
C ILE A 22 -1.12 -14.81 12.83
N ILE A 23 -2.11 -15.01 11.95
CA ILE A 23 -3.49 -14.70 12.34
C ILE A 23 -3.91 -15.50 13.55
N ASN A 24 -3.57 -16.79 13.55
CA ASN A 24 -3.83 -17.62 14.71
C ASN A 24 -3.18 -17.07 15.97
N ASP A 25 -1.93 -16.61 15.86
CA ASP A 25 -1.25 -16.11 17.05
C ASP A 25 -1.90 -14.84 17.57
N MET A 26 -2.31 -13.97 16.66
CA MET A 26 -2.99 -12.78 17.12
C MET A 26 -4.38 -13.07 17.65
N ARG A 27 -5.11 -14.02 17.08
CA ARG A 27 -6.39 -14.30 17.69
C ARG A 27 -6.25 -14.79 19.13
N ASP A 28 -5.18 -15.54 19.42
CA ASP A 28 -4.94 -16.11 20.73
C ASP A 28 -4.39 -15.10 21.73
N LEU A 29 -4.08 -13.89 21.29
CA LEU A 29 -3.59 -12.90 22.23
C LEU A 29 -4.75 -12.41 23.08
N PRO A 30 -4.50 -11.98 24.32
CA PRO A 30 -5.59 -11.51 25.19
C PRO A 30 -6.33 -10.27 24.65
N ASN A 31 -7.65 -10.27 24.87
CA ASN A 31 -8.57 -9.14 24.68
C ASN A 31 -8.85 -8.76 23.22
N THR A 32 -8.55 -9.64 22.24
CA THR A 32 -8.72 -9.30 20.83
C THR A 32 -10.11 -9.59 20.27
N TYR A 33 -10.99 -10.24 21.04
CA TYR A 33 -12.26 -10.75 20.51
C TYR A 33 -13.17 -9.83 19.70
N PRO A 34 -13.34 -8.54 20.02
CA PRO A 34 -14.26 -7.72 19.21
C PRO A 34 -13.92 -7.62 17.72
N PHE A 35 -12.72 -7.98 17.31
CA PHE A 35 -12.23 -7.94 15.92
C PHE A 35 -12.16 -9.27 15.19
N HIS A 36 -12.57 -10.38 15.82
CA HIS A 36 -12.42 -11.70 15.22
C HIS A 36 -13.36 -11.94 14.05
N THR A 37 -14.46 -11.23 13.96
CA THR A 37 -15.49 -11.52 12.98
C THR A 37 -15.99 -10.20 12.42
N PRO A 38 -16.66 -10.21 11.26
CA PRO A 38 -17.10 -8.94 10.71
C PRO A 38 -18.03 -8.32 11.72
N VAL A 39 -17.98 -7.00 11.80
CA VAL A 39 -18.99 -6.30 12.56
C VAL A 39 -20.35 -6.78 12.10
N ASN A 40 -21.21 -7.05 13.08
CA ASN A 40 -22.56 -7.48 12.79
C ASN A 40 -23.30 -6.21 12.49
N ALA A 41 -23.43 -5.93 11.19
CA ALA A 41 -24.08 -4.71 10.75
C ALA A 41 -25.58 -4.73 11.00
N LYS A 42 -26.14 -5.87 11.42
CA LYS A 42 -27.53 -5.85 11.81
C LYS A 42 -27.74 -5.47 13.28
N VAL A 43 -26.72 -5.53 14.14
CA VAL A 43 -26.86 -4.95 15.47
C VAL A 43 -26.36 -3.50 15.56
N VAL A 44 -25.15 -3.25 15.08
CA VAL A 44 -24.55 -1.91 15.05
C VAL A 44 -24.79 -1.29 13.67
N LYS A 45 -25.93 -0.63 13.51
CA LYS A 45 -26.43 -0.35 12.17
C LYS A 45 -25.62 0.67 11.37
N ASP A 46 -24.84 1.55 12.01
CA ASP A 46 -24.08 2.56 11.27
C ASP A 46 -22.60 2.22 11.02
N TYR A 47 -22.14 0.99 11.29
CA TYR A 47 -20.70 0.69 11.26
C TYR A 47 -20.02 0.93 9.91
N TYR A 48 -20.60 0.43 8.83
CA TYR A 48 -19.97 0.56 7.51
C TYR A 48 -20.14 1.95 6.92
N LYS A 49 -20.99 2.77 7.55
CA LYS A 49 -21.20 4.19 7.27
C LYS A 49 -20.08 5.11 7.79
N ILE A 50 -19.25 4.67 8.72
CA ILE A 50 -18.17 5.49 9.30
C ILE A 50 -16.82 5.01 8.77
N ILE A 51 -16.70 3.71 8.59
CA ILE A 51 -15.52 3.02 8.12
C ILE A 51 -15.95 2.65 6.70
N THR A 52 -15.08 2.88 5.73
CA THR A 52 -15.45 2.66 4.34
C THR A 52 -14.95 1.34 3.85
N ARG A 53 -13.89 0.87 4.48
CA ARG A 53 -13.13 -0.30 4.10
C ARG A 53 -13.11 -1.22 5.33
N PRO A 54 -14.23 -1.93 5.56
CA PRO A 54 -14.33 -2.86 6.69
C PRO A 54 -13.30 -3.96 6.61
N MET A 55 -12.81 -4.37 7.78
CA MET A 55 -11.89 -5.48 7.81
C MET A 55 -12.00 -6.13 9.19
N ASP A 56 -11.69 -7.43 9.22
CA ASP A 56 -11.76 -8.30 10.39
C ASP A 56 -10.88 -9.53 10.15
N LEU A 57 -10.66 -10.31 11.23
CA LEU A 57 -9.71 -11.41 11.08
C LEU A 57 -10.27 -12.56 10.24
N GLN A 58 -11.58 -12.81 10.29
CA GLN A 58 -12.12 -13.87 9.44
C GLN A 58 -12.02 -13.53 7.95
N THR A 59 -12.39 -12.31 7.56
CA THR A 59 -12.24 -11.98 6.16
C THR A 59 -10.77 -12.00 5.78
N LEU A 60 -9.88 -11.50 6.65
CA LEU A 60 -8.45 -11.56 6.37
C LEU A 60 -8.00 -12.99 6.17
N ARG A 61 -8.43 -13.91 7.04
CA ARG A 61 -8.04 -15.29 6.87
C ARG A 61 -8.61 -15.83 5.57
N GLU A 62 -9.84 -15.45 5.23
CA GLU A 62 -10.43 -15.91 3.99
C GLU A 62 -9.65 -15.38 2.79
N ASN A 63 -9.13 -14.15 2.88
CA ASN A 63 -8.31 -13.62 1.79
C ASN A 63 -6.96 -14.31 1.68
N VAL A 64 -6.34 -14.61 2.81
CA VAL A 64 -5.11 -15.40 2.81
C VAL A 64 -5.34 -16.75 2.14
N ARG A 65 -6.45 -17.40 2.45
CA ARG A 65 -6.66 -18.72 1.86
C ARG A 65 -7.00 -18.59 0.38
N LYS A 66 -7.65 -17.50 -0.03
CA LYS A 66 -7.84 -17.30 -1.45
C LYS A 66 -6.56 -16.81 -2.11
N ARG A 67 -5.47 -16.75 -1.37
CA ARG A 67 -4.17 -16.35 -1.90
C ARG A 67 -4.14 -14.94 -2.48
N LEU A 68 -4.85 -13.99 -1.88
CA LEU A 68 -4.83 -12.66 -2.44
C LEU A 68 -3.63 -11.83 -2.02
N TYR A 69 -2.81 -12.29 -1.10
CA TYR A 69 -1.73 -11.44 -0.59
C TYR A 69 -0.45 -12.11 -1.00
N PRO A 70 0.22 -11.62 -2.03
CA PRO A 70 1.51 -12.17 -2.43
C PRO A 70 2.71 -11.67 -1.65
N SER A 71 2.54 -10.78 -0.68
CA SER A 71 3.69 -10.26 0.05
C SER A 71 3.26 -9.78 1.42
N ARG A 72 4.27 -9.47 2.23
CA ARG A 72 4.00 -8.85 3.52
C ARG A 72 3.10 -7.63 3.40
N GLU A 73 3.29 -6.78 2.39
CA GLU A 73 2.68 -5.45 2.47
C GLU A 73 1.16 -5.49 2.27
N GLU A 74 0.64 -6.31 1.35
CA GLU A 74 -0.81 -6.31 1.16
C GLU A 74 -1.53 -6.87 2.37
N PHE A 75 -0.97 -7.93 2.95
CA PHE A 75 -1.54 -8.47 4.17
C PHE A 75 -1.45 -7.47 5.30
N ARG A 76 -0.27 -6.90 5.51
CA ARG A 76 -0.07 -5.99 6.64
C ARG A 76 -0.91 -4.73 6.43
N GLU A 77 -1.06 -4.28 5.19
CA GLU A 77 -1.86 -3.10 4.91
C GLU A 77 -3.31 -3.35 5.29
N HIS A 78 -3.82 -4.53 4.94
CA HIS A 78 -5.18 -4.85 5.35
C HIS A 78 -5.26 -4.98 6.87
N LEU A 79 -4.24 -5.58 7.50
CA LEU A 79 -4.21 -5.68 8.96
C LEU A 79 -4.19 -4.30 9.63
N GLU A 80 -3.38 -3.39 9.12
CA GLU A 80 -3.29 -2.03 9.67
C GLU A 80 -4.60 -1.27 9.53
N LEU A 81 -5.39 -1.63 8.51
CA LEU A 81 -6.71 -0.98 8.31
C LEU A 81 -7.52 -1.15 9.59
N ILE A 82 -7.47 -2.34 10.20
CA ILE A 82 -8.23 -2.62 11.45
C ILE A 82 -7.91 -1.54 12.49
N VAL A 83 -6.62 -1.26 12.71
CA VAL A 83 -6.23 -0.28 13.72
C VAL A 83 -6.76 1.10 13.33
N LYS A 84 -6.55 1.51 12.07
CA LYS A 84 -7.03 2.83 11.68
C LYS A 84 -8.54 2.93 11.86
N ASN A 85 -9.26 1.87 11.50
CA ASN A 85 -10.71 1.86 11.67
C ASN A 85 -11.12 1.98 13.15
N SER A 86 -10.42 1.27 14.06
CA SER A 86 -10.76 1.41 15.48
C SER A 86 -10.46 2.82 15.97
N ALA A 87 -9.32 3.37 15.53
CA ALA A 87 -8.92 4.73 15.90
C ALA A 87 -9.99 5.72 15.43
N THR A 88 -10.56 5.47 14.24
CA THR A 88 -11.59 6.33 13.68
C THR A 88 -12.87 6.18 14.49
N TYR A 89 -13.27 4.95 14.72
CA TYR A 89 -14.55 4.62 15.33
C TYR A 89 -14.50 4.74 16.85
N ASN A 90 -13.48 4.15 17.48
CA ASN A 90 -13.36 4.16 18.94
C ASN A 90 -12.64 5.39 19.47
N GLY A 91 -11.70 5.92 18.71
CA GLY A 91 -10.91 7.07 19.11
C GLY A 91 -9.45 6.68 19.07
N PRO A 92 -8.56 7.65 18.84
CA PRO A 92 -7.14 7.29 18.65
C PRO A 92 -6.51 6.67 19.89
N LYS A 93 -7.04 6.94 21.09
CA LYS A 93 -6.49 6.43 22.34
C LYS A 93 -7.35 5.37 23.01
N HIS A 94 -8.49 4.97 22.41
CA HIS A 94 -9.31 3.92 23.01
C HIS A 94 -8.48 2.67 23.26
N SER A 95 -8.82 2.00 24.34
CA SER A 95 -8.15 0.76 24.70
C SER A 95 -8.25 -0.23 23.55
N LEU A 96 -9.39 -0.28 22.84
CA LEU A 96 -9.53 -1.19 21.69
C LEU A 96 -8.56 -0.86 20.58
N THR A 97 -8.34 0.42 20.33
CA THR A 97 -7.36 0.77 19.31
C THR A 97 -5.99 0.34 19.79
N GLN A 98 -5.73 0.51 21.09
CA GLN A 98 -4.50 0.01 21.71
C GLN A 98 -4.36 -1.51 21.61
N ILE A 99 -5.48 -2.23 21.70
CA ILE A 99 -5.48 -3.72 21.58
C ILE A 99 -5.23 -4.09 20.11
N SER A 100 -5.85 -3.37 19.18
CA SER A 100 -5.56 -3.64 17.75
C SER A 100 -4.08 -3.31 17.47
N GLN A 101 -3.53 -2.31 18.16
CA GLN A 101 -2.12 -1.98 17.99
C GLN A 101 -1.26 -3.10 18.57
N SER A 102 -1.70 -3.74 19.68
CA SER A 102 -0.95 -4.86 20.26
C SER A 102 -0.84 -6.06 19.32
N MET A 103 -1.86 -6.27 18.52
CA MET A 103 -1.78 -7.36 17.54
C MET A 103 -0.82 -6.98 16.43
N LEU A 104 -0.88 -5.72 15.98
CA LEU A 104 0.05 -5.23 14.97
C LEU A 104 1.49 -5.34 15.47
N ASP A 105 1.71 -5.08 16.76
CA ASP A 105 3.06 -5.18 17.31
C ASP A 105 3.59 -6.60 17.23
N LEU A 106 2.74 -7.58 17.60
CA LEU A 106 3.11 -9.03 17.53
C LEU A 106 3.38 -9.38 16.06
N CYS A 107 2.55 -8.89 15.14
CA CYS A 107 2.75 -9.08 13.72
C CYS A 107 4.12 -8.59 13.27
N ASP A 108 4.47 -7.38 13.68
CA ASP A 108 5.75 -6.82 13.27
C ASP A 108 6.87 -7.68 13.83
N GLU A 109 6.67 -8.18 15.05
CA GLU A 109 7.59 -9.13 15.65
C GLU A 109 7.78 -10.38 14.80
N LYS A 110 6.69 -10.99 14.37
CA LYS A 110 6.84 -12.24 13.61
C LYS A 110 7.48 -11.97 12.27
N LEU A 111 7.08 -10.88 11.61
CA LEU A 111 7.71 -10.56 10.35
C LEU A 111 9.20 -10.35 10.54
N LYS A 112 9.59 -9.74 11.66
CA LYS A 112 11.02 -9.57 11.91
C LYS A 112 11.74 -10.90 12.15
N GLU A 113 11.17 -11.79 12.98
CA GLU A 113 11.82 -13.09 13.24
C GLU A 113 11.99 -13.93 11.99
N LYS A 114 11.05 -13.85 11.07
CA LYS A 114 11.06 -14.76 9.94
C LYS A 114 11.44 -14.04 8.64
N GLU A 115 12.11 -12.89 8.76
CA GLU A 115 12.27 -11.97 7.65
C GLU A 115 13.08 -12.57 6.50
N ASP A 116 14.10 -13.37 6.79
CA ASP A 116 14.92 -13.92 5.71
C ASP A 116 14.13 -14.94 4.90
N LYS A 117 13.38 -15.81 5.59
CA LYS A 117 12.51 -16.76 4.91
C LYS A 117 11.45 -16.02 4.09
N LEU A 118 10.86 -14.99 4.68
CA LEU A 118 9.83 -14.22 3.98
C LEU A 118 10.39 -13.58 2.74
N ALA A 119 11.59 -13.03 2.83
CA ALA A 119 12.22 -12.46 1.66
C ALA A 119 12.36 -13.53 0.59
N ARG A 120 12.73 -14.75 1.01
CA ARG A 120 13.00 -15.76 0.03
C ARG A 120 11.70 -16.14 -0.68
N LEU A 121 10.64 -16.33 0.09
CA LEU A 121 9.35 -16.65 -0.51
C LEU A 121 8.81 -15.52 -1.37
N GLU A 122 8.95 -14.28 -0.92
CA GLU A 122 8.39 -13.18 -1.68
C GLU A 122 9.05 -13.08 -3.05
N LYS A 123 10.37 -13.30 -3.10
CA LYS A 123 11.11 -13.30 -4.37
C LYS A 123 10.75 -14.49 -5.24
N ALA A 124 10.49 -15.67 -4.63
CA ALA A 124 10.09 -16.82 -5.43
C ALA A 124 8.67 -16.68 -5.98
N ILE A 125 7.80 -16.00 -5.24
CA ILE A 125 6.44 -15.77 -5.69
C ILE A 125 6.43 -14.77 -6.82
N ASN A 126 7.29 -13.76 -6.75
CA ASN A 126 7.28 -12.70 -7.74
C ASN A 126 8.69 -12.33 -8.10
N PRO A 127 9.28 -12.99 -9.12
CA PRO A 127 10.67 -12.75 -9.45
C PRO A 127 11.00 -11.35 -9.93
N LEU A 128 9.99 -10.55 -10.25
CA LEU A 128 10.26 -9.19 -10.79
C LEU A 128 10.95 -8.37 -9.72
N LEU A 129 10.83 -8.78 -8.47
CA LEU A 129 11.42 -8.01 -7.36
C LEU A 129 12.93 -8.19 -7.39
N ASP A 130 13.43 -9.00 -8.31
CA ASP A 130 14.89 -9.17 -8.45
C ASP A 130 15.27 -8.87 -9.91
N ASP A 131 14.29 -8.50 -10.73
CA ASP A 131 14.59 -8.28 -12.18
C ASP A 131 15.35 -6.98 -12.34
N ASP A 132 16.52 -7.06 -12.96
CA ASP A 132 17.39 -5.87 -13.09
C ASP A 132 16.64 -4.76 -13.80
N ASP A 133 15.68 -5.13 -14.64
CA ASP A 133 14.92 -4.11 -15.35
C ASP A 133 13.85 -3.48 -14.47
N GLN A 134 13.14 -4.28 -13.65
CA GLN A 134 12.22 -3.72 -12.66
C GLN A 134 12.92 -2.80 -11.67
N VAL A 135 14.08 -3.22 -11.17
CA VAL A 135 14.76 -2.38 -10.20
C VAL A 135 15.17 -1.07 -10.85
N ALA A 136 15.70 -1.13 -12.08
CA ALA A 136 16.10 0.11 -12.76
C ALA A 136 14.89 1.00 -13.03
N PHE A 137 13.77 0.41 -13.41
CA PHE A 137 12.58 1.21 -13.66
C PHE A 137 12.21 1.94 -12.37
N SER A 138 12.20 1.20 -11.25
CA SER A 138 11.89 1.81 -9.97
C SER A 138 12.90 2.87 -9.57
N PHE A 139 14.18 2.64 -9.87
CA PHE A 139 15.21 3.63 -9.53
C PHE A 139 14.97 4.94 -10.28
N ILE A 140 14.58 4.81 -11.54
CA ILE A 140 14.30 6.00 -12.34
C ILE A 140 13.12 6.73 -11.75
N LEU A 141 12.07 5.98 -11.43
CA LEU A 141 10.92 6.63 -10.80
C LEU A 141 11.31 7.33 -9.51
N ASP A 142 12.15 6.68 -8.71
CA ASP A 142 12.48 7.31 -7.46
C ASP A 142 13.21 8.62 -7.71
N ASN A 143 14.08 8.66 -8.73
CA ASN A 143 14.76 9.93 -9.03
C ASN A 143 13.82 10.97 -9.55
N ILE A 144 12.79 10.59 -10.31
CA ILE A 144 11.85 11.63 -10.69
C ILE A 144 11.21 12.25 -9.45
N VAL A 145 10.84 11.41 -8.48
CA VAL A 145 10.21 11.94 -7.28
C VAL A 145 11.18 12.83 -6.50
N THR A 146 12.38 12.33 -6.25
CA THR A 146 13.29 13.11 -5.39
C THR A 146 13.97 14.26 -6.14
N GLN A 147 14.34 14.08 -7.40
CA GLN A 147 15.17 15.10 -8.01
C GLN A 147 14.33 16.13 -8.76
N LYS A 148 13.13 15.76 -9.15
CA LYS A 148 12.31 16.67 -9.89
C LYS A 148 11.12 17.08 -9.05
N MET A 149 10.34 16.13 -8.56
CA MET A 149 9.08 16.53 -7.94
C MET A 149 9.28 17.18 -6.59
N MET A 150 10.11 16.58 -5.75
CA MET A 150 10.28 17.21 -4.44
C MET A 150 11.06 18.50 -4.51
N ALA A 151 11.69 18.77 -5.63
CA ALA A 151 12.40 20.03 -5.79
C ALA A 151 11.48 21.17 -6.22
N VAL A 152 10.20 20.91 -6.49
CA VAL A 152 9.36 22.06 -6.83
C VAL A 152 9.32 23.03 -5.65
N PRO A 153 9.49 24.33 -5.86
CA PRO A 153 9.48 25.25 -4.73
C PRO A 153 8.19 25.13 -3.94
N ASP A 154 8.35 25.16 -2.62
CA ASP A 154 7.24 25.12 -1.70
C ASP A 154 6.39 23.85 -1.86
N SER A 155 7.01 22.75 -2.33
CA SER A 155 6.32 21.47 -2.46
C SER A 155 6.24 20.68 -1.16
N TRP A 156 6.78 21.20 -0.05
CA TRP A 156 6.82 20.48 1.22
C TRP A 156 5.46 19.94 1.67
N PRO A 157 4.33 20.60 1.42
CA PRO A 157 3.06 20.04 1.90
C PRO A 157 2.74 18.66 1.35
N PHE A 158 3.34 18.24 0.26
CA PHE A 158 3.03 16.99 -0.41
C PHE A 158 4.07 15.94 -0.16
N HIS A 159 5.06 16.23 0.68
CA HIS A 159 6.13 15.27 0.92
C HIS A 159 5.70 14.15 1.82
N HIS A 160 4.67 14.36 2.64
CA HIS A 160 4.36 13.34 3.63
C HIS A 160 2.85 13.26 3.72
N PRO A 161 2.32 12.17 4.25
CA PRO A 161 0.88 12.09 4.48
C PRO A 161 0.40 13.17 5.42
N VAL A 162 -0.78 13.67 5.12
CA VAL A 162 -1.38 14.66 5.98
C VAL A 162 -1.56 14.06 7.36
N ASN A 163 -1.17 14.83 8.36
CA ASN A 163 -1.38 14.51 9.75
C ASN A 163 -2.72 15.09 10.15
N LYS A 164 -3.66 14.22 10.50
CA LYS A 164 -5.00 14.69 10.83
C LYS A 164 -4.95 15.70 11.96
N LYS A 165 -3.88 15.67 12.75
CA LYS A 165 -3.70 16.64 13.82
C LYS A 165 -3.67 18.08 13.32
N PHE A 166 -3.09 18.32 12.14
CA PHE A 166 -2.95 19.69 11.61
C PHE A 166 -4.03 20.12 10.64
N VAL A 167 -4.69 19.19 9.98
CA VAL A 167 -5.77 19.42 9.05
C VAL A 167 -6.91 18.52 9.47
N PRO A 168 -7.73 18.94 10.44
CA PRO A 168 -8.56 17.96 11.13
C PRO A 168 -9.58 17.30 10.25
N ASP A 169 -10.04 17.96 9.20
CA ASP A 169 -11.08 17.39 8.37
C ASP A 169 -10.61 16.72 7.07
N TYR A 170 -9.30 16.56 6.87
CA TYR A 170 -8.81 16.17 5.55
C TYR A 170 -9.34 14.81 5.10
N TYR A 171 -9.36 13.83 5.98
CA TYR A 171 -9.69 12.49 5.54
C TYR A 171 -11.19 12.23 5.57
N LYS A 172 -11.95 13.15 6.11
CA LYS A 172 -13.36 13.09 5.89
C LYS A 172 -13.73 13.54 4.49
N VAL A 173 -12.91 14.38 3.88
CA VAL A 173 -13.08 14.86 2.51
C VAL A 173 -12.39 14.00 1.45
N ILE A 174 -11.15 13.62 1.69
CA ILE A 174 -10.30 12.94 0.73
C ILE A 174 -10.25 11.47 1.09
N VAL A 175 -10.95 10.66 0.31
CA VAL A 175 -10.97 9.23 0.57
C VAL A 175 -9.90 8.47 -0.16
N ASN A 176 -9.19 9.09 -1.09
CA ASN A 176 -8.08 8.44 -1.76
C ASN A 176 -6.81 9.27 -1.57
N PRO A 177 -6.26 9.31 -0.37
CA PRO A 177 -5.15 10.24 -0.11
C PRO A 177 -3.91 9.73 -0.82
N MET A 178 -3.02 10.67 -1.12
CA MET A 178 -1.75 10.31 -1.74
C MET A 178 -0.73 11.39 -1.43
N ASP A 179 0.54 10.99 -1.39
CA ASP A 179 1.65 11.91 -1.11
C ASP A 179 2.97 11.37 -1.69
N LEU A 180 4.00 12.23 -1.69
CA LEU A 180 5.23 11.78 -2.34
C LEU A 180 5.95 10.70 -1.54
N GLU A 181 5.88 10.73 -0.21
CA GLU A 181 6.51 9.67 0.56
C GLU A 181 5.86 8.33 0.32
N THR A 182 4.53 8.31 0.30
CA THR A 182 3.87 7.05 0.01
C THR A 182 4.25 6.50 -1.35
N ILE A 183 4.34 7.37 -2.36
CA ILE A 183 4.77 6.90 -3.68
C ILE A 183 6.16 6.34 -3.63
N ARG A 184 7.07 6.99 -2.92
CA ARG A 184 8.40 6.42 -2.79
C ARG A 184 8.35 5.05 -2.13
N LYS A 185 7.51 4.87 -1.11
CA LYS A 185 7.40 3.57 -0.48
C LYS A 185 6.89 2.57 -1.48
N ASN A 186 5.91 2.96 -2.26
CA ASN A 186 5.42 2.09 -3.32
C ASN A 186 6.52 1.74 -4.33
N ILE A 187 7.33 2.73 -4.72
CA ILE A 187 8.42 2.44 -5.63
C ILE A 187 9.40 1.46 -5.05
N SER A 188 9.75 1.64 -3.78
CA SER A 188 10.71 0.74 -3.16
C SER A 188 10.18 -0.68 -3.13
N LYS A 189 8.87 -0.84 -3.04
CA LYS A 189 8.19 -2.14 -3.10
C LYS A 189 7.88 -2.55 -4.53
N HIS A 190 8.33 -1.77 -5.53
CA HIS A 190 8.14 -2.12 -6.94
C HIS A 190 6.66 -2.29 -7.30
N LYS A 191 5.81 -1.40 -6.82
CA LYS A 191 4.38 -1.48 -7.13
C LYS A 191 4.11 -1.20 -8.59
N TYR A 192 4.95 -0.43 -9.23
CA TYR A 192 4.68 0.04 -10.58
C TYR A 192 5.46 -0.76 -11.62
N GLN A 193 4.72 -1.41 -12.51
CA GLN A 193 5.29 -2.09 -13.64
C GLN A 193 5.26 -1.22 -14.87
N SER A 194 4.61 -0.06 -14.79
CA SER A 194 4.59 0.85 -15.92
C SER A 194 4.17 2.23 -15.48
N ARG A 195 4.24 3.14 -16.45
CA ARG A 195 3.96 4.54 -16.17
C ARG A 195 2.51 4.77 -15.87
N GLU A 196 1.63 3.87 -16.30
CA GLU A 196 0.21 4.10 -16.11
C GLU A 196 -0.15 4.16 -14.63
N SER A 197 0.26 3.15 -13.87
CA SER A 197 -0.08 3.12 -12.45
C SER A 197 0.63 4.23 -11.68
N PHE A 198 1.89 4.49 -12.05
CA PHE A 198 2.61 5.56 -11.40
C PHE A 198 1.89 6.88 -11.60
N LEU A 199 1.44 7.13 -12.83
CA LEU A 199 0.76 8.39 -13.08
C LEU A 199 -0.61 8.43 -12.45
N ASP A 200 -1.24 7.27 -12.26
CA ASP A 200 -2.50 7.28 -11.53
C ASP A 200 -2.33 7.88 -10.16
N ASP A 201 -1.26 7.46 -9.46
CA ASP A 201 -1.07 8.01 -8.11
C ASP A 201 -0.62 9.47 -8.17
N VAL A 202 0.30 9.78 -9.09
CA VAL A 202 0.75 11.16 -9.25
C VAL A 202 -0.41 12.10 -9.53
N ASN A 203 -1.26 11.75 -10.47
CA ASN A 203 -2.36 12.63 -10.82
C ASN A 203 -3.35 12.73 -9.66
N LEU A 204 -3.38 11.68 -8.81
CA LEU A 204 -4.28 11.71 -7.66
C LEU A 204 -3.92 12.84 -6.73
N ILE A 205 -2.64 13.16 -6.64
CA ILE A 205 -2.26 14.32 -5.83
C ILE A 205 -2.92 15.59 -6.31
N LEU A 206 -2.89 15.83 -7.61
CA LEU A 206 -3.46 17.06 -8.14
C LEU A 206 -4.97 17.06 -7.98
N ALA A 207 -5.58 15.92 -8.29
CA ALA A 207 -7.02 15.86 -8.12
C ALA A 207 -7.43 16.14 -6.67
N ASN A 208 -6.70 15.57 -5.71
CA ASN A 208 -7.04 15.81 -4.32
C ASN A 208 -6.84 17.23 -3.90
N SER A 209 -5.83 17.90 -4.45
CA SER A 209 -5.68 19.28 -4.07
C SER A 209 -6.83 20.10 -4.59
N VAL A 210 -7.25 19.84 -5.81
CA VAL A 210 -8.40 20.56 -6.33
C VAL A 210 -9.59 20.36 -5.42
N LYS A 211 -9.80 19.13 -4.97
CA LYS A 211 -11.00 18.88 -4.17
C LYS A 211 -10.94 19.58 -2.84
N TYR A 212 -9.81 19.49 -2.15
CA TYR A 212 -9.75 19.99 -0.79
C TYR A 212 -9.50 21.49 -0.74
N ASN A 213 -8.64 22.00 -1.61
CA ASN A 213 -8.22 23.40 -1.56
C ASN A 213 -8.94 24.29 -2.54
N GLY A 214 -9.44 23.74 -3.63
CA GLY A 214 -10.13 24.53 -4.61
C GLY A 214 -9.25 24.67 -5.81
N PRO A 215 -9.85 24.87 -6.96
CA PRO A 215 -9.07 24.95 -8.21
C PRO A 215 -8.14 26.12 -8.26
N GLU A 216 -8.39 27.16 -7.49
CA GLU A 216 -7.57 28.34 -7.64
C GLU A 216 -6.57 28.50 -6.50
N SER A 217 -6.54 27.56 -5.56
CA SER A 217 -5.63 27.58 -4.43
C SER A 217 -4.16 27.51 -4.82
N GLN A 218 -3.32 28.12 -3.97
CA GLN A 218 -1.87 27.96 -4.11
C GLN A 218 -1.42 26.51 -3.94
N TYR A 219 -2.11 25.75 -3.09
CA TYR A 219 -1.76 24.33 -3.02
C TYR A 219 -1.91 23.68 -4.39
N THR A 220 -2.98 24.00 -5.10
CA THR A 220 -3.17 23.39 -6.40
C THR A 220 -2.20 23.91 -7.43
N LYS A 221 -1.82 25.19 -7.37
CA LYS A 221 -0.81 25.63 -8.32
C LYS A 221 0.49 24.84 -8.13
N THR A 222 0.89 24.62 -6.87
CA THR A 222 2.06 23.77 -6.61
C THR A 222 1.85 22.34 -7.11
N ALA A 223 0.69 21.76 -6.82
CA ALA A 223 0.45 20.41 -7.30
C ALA A 223 0.49 20.33 -8.82
N GLN A 224 -0.04 21.34 -9.53
CA GLN A 224 0.07 21.34 -10.99
C GLN A 224 1.54 21.38 -11.41
N GLU A 225 2.35 22.13 -10.70
CA GLU A 225 3.76 22.14 -11.06
C GLU A 225 4.43 20.80 -10.82
N ILE A 226 4.08 20.13 -9.71
CA ILE A 226 4.60 18.79 -9.46
C ILE A 226 4.22 17.79 -10.55
N VAL A 227 2.94 17.74 -10.93
CA VAL A 227 2.52 16.80 -11.98
C VAL A 227 3.17 17.14 -13.31
N ASN A 228 3.22 18.43 -13.62
CA ASN A 228 3.77 18.84 -14.90
C ASN A 228 5.23 18.45 -15.01
N VAL A 229 5.99 18.62 -13.93
CA VAL A 229 7.38 18.24 -14.03
C VAL A 229 7.54 16.74 -14.06
N CYS A 230 6.61 16.01 -13.46
CA CYS A 230 6.65 14.58 -13.59
C CYS A 230 6.44 14.15 -15.04
N TYR A 231 5.38 14.68 -15.70
CA TYR A 231 5.18 14.37 -17.12
C TYR A 231 6.33 14.83 -17.98
N GLN A 232 6.86 16.02 -17.75
CA GLN A 232 7.97 16.48 -18.58
C GLN A 232 9.12 15.50 -18.49
N THR A 233 9.40 15.00 -17.30
CA THR A 233 10.52 14.10 -17.15
C THR A 233 10.21 12.72 -17.73
N LEU A 234 8.99 12.21 -17.54
CA LEU A 234 8.61 10.97 -18.22
C LEU A 234 8.73 11.11 -19.73
N THR A 235 8.35 12.26 -20.28
CA THR A 235 8.48 12.42 -21.72
C THR A 235 9.95 12.39 -22.12
N GLU A 236 10.80 13.01 -21.30
CA GLU A 236 12.21 13.03 -21.59
C GLU A 236 12.75 11.62 -21.55
N TYR A 237 12.22 10.76 -20.69
CA TYR A 237 12.72 9.40 -20.61
C TYR A 237 11.87 8.39 -21.40
N ASP A 238 11.04 8.84 -22.36
CA ASP A 238 10.07 7.93 -22.96
C ASP A 238 10.72 6.68 -23.58
N GLU A 239 11.87 6.81 -24.24
CA GLU A 239 12.24 5.68 -25.07
C GLU A 239 12.87 4.58 -24.23
N HIS A 240 13.66 4.98 -23.25
CA HIS A 240 14.20 4.01 -22.31
C HIS A 240 13.09 3.38 -21.47
N LEU A 241 12.16 4.19 -20.97
CA LEU A 241 11.08 3.60 -20.16
C LEU A 241 10.23 2.63 -20.97
N THR A 242 10.01 2.92 -22.25
CA THR A 242 9.22 2.01 -23.07
C THR A 242 9.94 0.67 -23.17
N GLN A 243 11.26 0.71 -23.32
CA GLN A 243 11.99 -0.54 -23.37
C GLN A 243 11.91 -1.28 -22.04
N LEU A 244 12.07 -0.56 -20.91
CA LEU A 244 12.00 -1.21 -19.61
C LEU A 244 10.62 -1.81 -19.36
N GLU A 245 9.56 -1.11 -19.72
CA GLU A 245 8.23 -1.65 -19.49
C GLU A 245 8.03 -2.91 -20.30
N LYS A 246 8.57 -2.92 -21.52
CA LYS A 246 8.46 -4.12 -22.35
C LYS A 246 9.18 -5.30 -21.72
N ASP A 247 10.38 -5.06 -21.18
CA ASP A 247 11.12 -6.21 -20.62
C ASP A 247 10.45 -6.68 -19.35
N ILE A 248 9.79 -5.75 -18.64
CA ILE A 248 9.03 -6.08 -17.45
C ILE A 248 7.83 -6.93 -17.81
N CYS A 249 7.11 -6.54 -18.87
CA CYS A 249 5.97 -7.31 -19.33
C CYS A 249 6.38 -8.74 -19.66
N THR A 250 7.48 -8.90 -20.41
CA THR A 250 7.94 -10.25 -20.76
C THR A 250 8.34 -11.07 -19.53
N ALA A 251 9.05 -10.45 -18.58
CA ALA A 251 9.40 -11.19 -17.36
C ALA A 251 8.16 -11.61 -16.61
N LYS A 252 7.15 -10.72 -16.51
CA LYS A 252 5.92 -11.03 -15.82
C LYS A 252 5.20 -12.21 -16.47
N GLU A 253 5.19 -12.27 -17.79
CA GLU A 253 4.51 -13.39 -18.45
C GLU A 253 5.29 -14.69 -18.21
N ALA A 254 6.61 -14.59 -18.19
CA ALA A 254 7.34 -15.83 -17.97
C ALA A 254 7.16 -16.25 -16.51
N ALA A 255 6.85 -15.31 -15.61
CA ALA A 255 6.60 -15.71 -14.25
C ALA A 255 5.23 -16.35 -14.00
N LEU A 256 4.70 -17.01 -15.02
CA LEU A 256 3.37 -17.63 -15.12
C LEU A 256 3.66 -18.93 -15.81
N GLU A 257 4.29 -18.76 -16.99
CA GLU A 257 4.95 -19.88 -17.66
C GLU A 257 5.62 -20.79 -16.64
N GLU A 258 6.47 -20.23 -15.78
CA GLU A 258 7.22 -21.03 -14.81
C GLU A 258 6.59 -21.08 -13.44
N ALA A 259 5.39 -20.52 -13.28
CA ALA A 259 4.69 -20.54 -11.99
C ALA A 259 3.59 -21.59 -11.95
N GLU A 260 2.67 -21.49 -12.89
CA GLU A 260 1.52 -22.36 -12.90
C GLU A 260 1.84 -23.68 -13.53
N LEU A 261 2.91 -23.74 -14.32
CA LEU A 261 3.40 -25.01 -14.82
C LEU A 261 3.77 -25.94 -13.66
N GLU A 262 4.18 -25.35 -12.52
CA GLU A 262 4.58 -26.13 -11.36
C GLU A 262 3.39 -26.60 -10.53
N SER A 263 2.30 -25.83 -10.51
CA SER A 263 1.11 -26.26 -9.79
C SER A 263 0.56 -27.58 -10.32
N LEU A 264 0.95 -28.01 -11.53
CA LEU A 264 0.50 -29.29 -12.08
C LEU A 264 1.42 -30.46 -11.69
C7 G9V B . 0.83 20.61 7.70
C9 G9V B . -0.25 19.44 5.87
N2 G9V B . 0.59 23.12 7.50
C10 G9V B . -0.65 20.64 5.29
C6 G9V B . 0.42 21.83 7.12
C29 G9V B . 2.71 16.57 8.27
N20 G9V B . -4.44 22.18 2.59
C18 G9V B . -3.34 22.38 4.50
C11 G9V B . -1.46 20.58 4.01
C1 G9V B . 1.31 23.56 8.68
C8 G9V B . 0.47 19.44 7.05
C16 G9V B . -3.40 21.32 2.59
C5 G9V B . -0.31 21.85 5.95
O15 G9V B . -3.58 20.27 0.51
N13 G9V B . -1.79 19.50 1.71
C24 G9V B . -0.73 16.25 0.52
C25 G9V B . -0.88 14.94 0.52
C32 G9V B . 4.00 17.85 6.22
C17 G9V B . -2.69 21.43 3.76
C22 G9V B . -1.38 18.58 0.70
O31 G9V B . 4.43 16.55 6.65
C12 G9V B . -1.03 19.61 2.94
C19 G9V B . -4.43 22.85 3.76
C14 G9V B . -2.95 20.33 1.50
N28 G9V B . 2.25 17.82 7.75
C33 G9V B . 3.33 18.64 7.34
C3 G9V B . 0.01 23.91 6.59
C23 G9V B . -1.81 17.16 1.06
C26 G9V B . 0.87 18.12 7.62
C30 G9V B . 3.42 15.76 7.22
O27 G9V B . 0.05 17.33 7.97
N4 G9V B . -0.56 23.16 5.66
C1 EDO C . -20.82 -6.34 18.93
O1 EDO C . -20.65 -5.29 19.88
C2 EDO C . -20.52 -5.72 17.58
O2 EDO C . -21.03 -6.59 16.58
C1 EDO D . 8.32 22.79 6.92
O1 EDO D . 7.84 23.75 7.86
C2 EDO D . 9.45 23.44 6.13
O2 EDO D . 8.97 24.73 5.71
#